data_8CBA
#
_entry.id   8CBA
#
_cell.length_a   48.882
_cell.length_b   53.790
_cell.length_c   83.229
_cell.angle_alpha   90.000
_cell.angle_beta   90.000
_cell.angle_gamma   90.000
#
_symmetry.space_group_name_H-M   'P 21 21 21'
#
loop_
_entity.id
_entity.type
_entity.pdbx_description
1 polymer 'Conjugal transfer protein traF'
2 water water
#
_entity_poly.entity_id   1
_entity_poly.type   'polypeptide(L)'
_entity_poly.pdbx_seq_one_letter_code
;GSMKYKILKNLQFYYQENVIVVQINEKYLTNREHIFDVEESEQYFVDVEEILTKDGKLEIVYNRPNGYTPLLDLKEYADF
YKLDIVNRLLEMNVLEKTNTYLAMQNILLKDTRDLLFIYKADHFDNLPYSTKEELEQWKNFICSFFGKFTLEKYEKNRIE
VLTKEKNSFLNDVEAVESLESLRDLIKNRLTEEQKNFFSAELQDKKADVRKIRR
;
_entity_poly.pdbx_strand_id   A
#
# COMPACT_ATOMS: atom_id res chain seq x y z
N SER A 2 15.12 9.30 4.24
CA SER A 2 14.01 9.55 3.33
C SER A 2 14.27 8.94 1.96
N MET A 3 13.63 7.80 1.69
N MET A 3 13.60 7.83 1.67
CA MET A 3 13.81 7.12 0.40
CA MET A 3 13.79 7.16 0.40
C MET A 3 13.03 7.85 -0.69
C MET A 3 13.02 7.89 -0.69
N LYS A 4 13.75 8.37 -1.69
CA LYS A 4 13.15 9.18 -2.74
C LYS A 4 12.70 8.38 -3.96
N TYR A 5 13.00 7.08 -3.99
CA TYR A 5 12.73 6.24 -5.14
C TYR A 5 12.50 4.83 -4.63
N LYS A 6 11.48 4.16 -5.17
CA LYS A 6 11.27 2.75 -4.84
C LYS A 6 10.48 2.05 -5.93
N ILE A 7 10.89 0.83 -6.24
CA ILE A 7 10.18 -0.02 -7.18
C ILE A 7 9.00 -0.69 -6.45
N LEU A 8 7.86 -0.77 -7.11
N LEU A 8 7.88 -0.79 -7.14
CA LEU A 8 6.77 -1.65 -6.70
CA LEU A 8 6.74 -1.62 -6.70
C LEU A 8 6.31 -2.38 -7.95
C LEU A 8 6.28 -2.38 -7.95
N LYS A 9 6.66 -3.66 -8.04
CA LYS A 9 6.35 -4.45 -9.24
C LYS A 9 6.86 -3.74 -10.49
N ASN A 10 6.00 -3.44 -11.47
CA ASN A 10 6.45 -2.74 -12.67
C ASN A 10 6.28 -1.23 -12.59
N LEU A 11 6.03 -0.70 -11.41
CA LEU A 11 5.94 0.74 -11.16
C LEU A 11 7.24 1.23 -10.53
N GLN A 12 7.66 2.42 -10.93
CA GLN A 12 8.70 3.14 -10.21
C GLN A 12 8.07 4.37 -9.56
N PHE A 13 8.25 4.50 -8.24
CA PHE A 13 7.75 5.64 -7.49
C PHE A 13 8.89 6.63 -7.24
N TYR A 14 8.61 7.92 -7.45
CA TYR A 14 9.53 9.02 -7.18
C TYR A 14 8.84 9.97 -6.22
N TYR A 15 9.36 10.09 -5.01
CA TYR A 15 8.75 10.92 -3.96
C TYR A 15 9.48 12.26 -3.96
N GLN A 16 8.88 13.26 -4.60
CA GLN A 16 9.52 14.55 -4.79
C GLN A 16 8.93 15.58 -3.82
N GLU A 17 9.32 16.84 -4.02
CA GLU A 17 9.00 17.88 -3.07
C GLU A 17 7.51 18.18 -3.04
N ASN A 18 6.93 18.49 -4.20
CA ASN A 18 5.54 18.90 -4.31
C ASN A 18 4.68 17.84 -4.96
N VAL A 19 5.29 16.79 -5.50
CA VAL A 19 4.56 15.79 -6.28
C VAL A 19 5.17 14.42 -6.00
N ILE A 20 4.35 13.38 -6.26
N ILE A 20 4.39 13.39 -6.35
CA ILE A 20 4.81 12.01 -6.45
CA ILE A 20 4.89 12.02 -6.45
C ILE A 20 4.69 11.72 -7.93
C ILE A 20 4.63 11.56 -7.87
N VAL A 21 5.64 10.98 -8.50
CA VAL A 21 5.55 10.51 -9.87
C VAL A 21 5.57 8.98 -9.86
N VAL A 22 4.60 8.37 -10.54
CA VAL A 22 4.62 6.94 -10.82
C VAL A 22 4.91 6.76 -12.30
N GLN A 23 5.96 6.01 -12.61
CA GLN A 23 6.38 5.74 -13.97
C GLN A 23 6.13 4.28 -14.30
N ILE A 24 5.51 4.01 -15.45
CA ILE A 24 5.25 2.65 -15.93
C ILE A 24 5.63 2.61 -17.41
N ASN A 25 6.52 1.71 -17.77
CA ASN A 25 6.88 1.56 -19.18
C ASN A 25 5.66 1.10 -19.96
N GLU A 26 5.41 1.75 -21.12
CA GLU A 26 4.23 1.40 -21.90
C GLU A 26 4.27 -0.01 -22.44
N LYS A 27 5.43 -0.67 -22.41
CA LYS A 27 5.47 -2.07 -22.83
C LYS A 27 4.65 -2.96 -21.91
N TYR A 28 4.32 -2.50 -20.71
CA TYR A 28 3.47 -3.25 -19.80
C TYR A 28 1.99 -2.90 -19.94
N LEU A 29 1.63 -1.97 -20.81
CA LEU A 29 0.27 -1.45 -20.92
C LEU A 29 -0.27 -1.75 -22.31
N THR A 30 -0.90 -2.93 -22.46
CA THR A 30 -1.43 -3.31 -23.76
C THR A 30 -2.62 -2.46 -24.18
N ASN A 31 -3.50 -2.13 -23.23
CA ASN A 31 -4.66 -1.28 -23.49
C ASN A 31 -4.50 0.01 -22.68
N ARG A 32 -4.78 1.14 -23.33
CA ARG A 32 -4.57 2.45 -22.70
C ARG A 32 -5.76 3.38 -22.86
N GLU A 33 -6.89 2.89 -23.40
N GLU A 33 -6.89 2.90 -23.41
CA GLU A 33 -8.06 3.71 -23.67
CA GLU A 33 -8.03 3.77 -23.68
C GLU A 33 -8.56 4.45 -22.44
C GLU A 33 -8.54 4.48 -22.43
N HIS A 34 -8.40 3.86 -21.25
CA HIS A 34 -8.99 4.38 -20.02
C HIS A 34 -7.98 4.92 -19.03
N ILE A 35 -6.74 5.17 -19.45
N ILE A 35 -6.74 5.17 -19.44
CA ILE A 35 -5.70 5.58 -18.52
CA ILE A 35 -5.71 5.58 -18.48
C ILE A 35 -6.09 6.87 -17.79
C ILE A 35 -6.05 6.90 -17.80
N PHE A 36 -6.73 7.81 -18.51
CA PHE A 36 -7.10 9.08 -17.90
C PHE A 36 -8.23 8.96 -16.88
N ASP A 37 -8.86 7.78 -16.76
CA ASP A 37 -9.86 7.57 -15.72
C ASP A 37 -9.28 7.76 -14.32
N VAL A 38 -7.96 7.59 -14.16
CA VAL A 38 -7.36 7.75 -12.84
C VAL A 38 -7.37 9.18 -12.34
N GLU A 39 -7.76 10.15 -13.18
CA GLU A 39 -7.94 11.52 -12.71
C GLU A 39 -9.16 11.67 -11.81
N GLU A 40 -10.03 10.66 -11.76
CA GLU A 40 -11.21 10.72 -10.91
C GLU A 40 -10.79 10.73 -9.44
N SER A 41 -11.33 11.66 -8.67
N SER A 41 -11.35 11.65 -8.67
CA SER A 41 -10.96 11.76 -7.26
CA SER A 41 -11.02 11.77 -7.26
C SER A 41 -11.59 10.62 -6.47
C SER A 41 -11.60 10.59 -6.47
N GLU A 42 -10.95 10.28 -5.35
CA GLU A 42 -11.44 9.24 -4.46
C GLU A 42 -10.97 9.57 -3.05
N GLN A 43 -11.86 9.43 -2.08
CA GLN A 43 -11.48 9.65 -0.70
C GLN A 43 -10.27 8.78 -0.35
N TYR A 44 -9.31 9.39 0.35
CA TYR A 44 -8.07 8.76 0.82
C TYR A 44 -7.01 8.59 -0.26
N PHE A 45 -7.20 9.13 -1.46
CA PHE A 45 -6.19 9.10 -2.51
C PHE A 45 -5.77 10.52 -2.86
N VAL A 46 -4.48 10.71 -3.09
CA VAL A 46 -4.01 12.02 -3.54
C VAL A 46 -4.51 12.29 -4.96
N ASP A 47 -4.60 13.57 -5.30
CA ASP A 47 -5.14 13.96 -6.59
C ASP A 47 -4.08 13.87 -7.69
N VAL A 48 -4.50 13.42 -8.86
CA VAL A 48 -3.64 13.43 -10.04
C VAL A 48 -3.55 14.84 -10.58
N GLU A 49 -2.32 15.31 -10.81
CA GLU A 49 -2.11 16.61 -11.42
C GLU A 49 -1.96 16.53 -12.93
N GLU A 50 -1.25 15.54 -13.45
N GLU A 50 -1.23 15.54 -13.44
CA GLU A 50 -1.13 15.39 -14.90
CA GLU A 50 -1.00 15.40 -14.87
C GLU A 50 -0.67 14.00 -15.26
C GLU A 50 -0.79 13.93 -15.21
N ILE A 51 -1.00 13.60 -16.49
CA ILE A 51 -0.62 12.31 -17.06
C ILE A 51 0.14 12.62 -18.34
N LEU A 52 1.37 12.13 -18.43
CA LEU A 52 2.27 12.43 -19.53
C LEU A 52 2.89 11.13 -20.01
N THR A 53 3.51 11.16 -21.19
CA THR A 53 4.44 10.10 -21.56
C THR A 53 5.78 10.71 -21.91
N LYS A 54 6.84 9.93 -21.71
CA LYS A 54 8.21 10.37 -21.92
C LYS A 54 8.95 9.18 -22.48
N ASP A 55 9.28 9.23 -23.78
CA ASP A 55 10.07 8.19 -24.44
C ASP A 55 9.56 6.79 -24.13
N GLY A 56 8.26 6.59 -24.33
CA GLY A 56 7.66 5.27 -24.20
C GLY A 56 7.29 4.87 -22.79
N LYS A 57 7.32 5.79 -21.84
CA LYS A 57 6.97 5.53 -20.45
C LYS A 57 5.84 6.46 -20.03
N LEU A 58 4.84 5.88 -19.38
CA LEU A 58 3.76 6.66 -18.79
C LEU A 58 4.24 7.28 -17.48
N GLU A 59 3.83 8.53 -17.25
CA GLU A 59 4.17 9.28 -16.04
C GLU A 59 2.85 9.79 -15.46
N ILE A 60 2.48 9.31 -14.29
CA ILE A 60 1.34 9.86 -13.56
C ILE A 60 1.91 10.73 -12.44
N VAL A 61 1.56 12.01 -12.46
CA VAL A 61 2.08 13.00 -11.52
C VAL A 61 0.97 13.31 -10.52
N TYR A 62 1.23 13.08 -9.23
CA TYR A 62 0.25 13.26 -8.17
C TYR A 62 0.65 14.43 -7.28
N ASN A 63 -0.34 15.16 -6.78
CA ASN A 63 -0.10 16.11 -5.72
C ASN A 63 0.44 15.40 -4.48
N ARG A 64 1.44 16.00 -3.86
CA ARG A 64 1.92 15.53 -2.56
C ARG A 64 1.56 16.57 -1.52
N PRO A 65 0.54 16.33 -0.70
CA PRO A 65 0.17 17.33 0.31
C PRO A 65 1.27 17.47 1.35
N ASN A 66 1.30 18.65 1.98
CA ASN A 66 2.34 18.95 2.96
C ASN A 66 2.26 18.00 4.15
N GLY A 67 3.44 17.57 4.62
CA GLY A 67 3.53 16.77 5.82
C GLY A 67 3.21 15.30 5.68
N TYR A 68 3.23 14.75 4.47
CA TYR A 68 2.99 13.33 4.28
C TYR A 68 4.29 12.63 3.87
N THR A 69 4.65 11.58 4.63
CA THR A 69 5.88 10.82 4.51
C THR A 69 5.59 9.44 3.92
N PRO A 70 6.41 8.98 3.00
CA PRO A 70 6.26 7.61 2.49
C PRO A 70 6.34 6.59 3.62
N LEU A 71 5.37 5.69 3.64
CA LEU A 71 5.29 4.72 4.74
C LEU A 71 6.53 3.83 4.83
N LEU A 72 7.16 3.56 3.67
N LEU A 72 7.20 3.56 3.71
CA LEU A 72 8.45 2.89 3.62
CA LEU A 72 8.43 2.78 3.80
C LEU A 72 9.42 3.44 4.66
C LEU A 72 9.48 3.44 4.69
N ASP A 73 9.44 4.76 4.84
CA ASP A 73 10.38 5.43 5.72
C ASP A 73 10.10 5.18 7.20
N LEU A 74 8.98 4.56 7.53
CA LEU A 74 8.58 4.34 8.92
C LEU A 74 8.63 2.87 9.31
N LYS A 75 9.19 2.02 8.46
CA LYS A 75 9.18 0.59 8.75
C LYS A 75 9.98 0.26 10.01
N GLU A 76 10.96 1.10 10.37
CA GLU A 76 11.75 0.81 11.56
C GLU A 76 11.18 1.43 12.83
N TYR A 77 10.02 2.07 12.75
CA TYR A 77 9.33 2.49 13.95
C TYR A 77 8.82 1.27 14.73
N ALA A 78 8.54 1.49 16.01
CA ALA A 78 8.16 0.42 16.92
C ALA A 78 6.86 -0.25 16.50
N ASP A 79 6.72 -1.51 16.89
CA ASP A 79 5.53 -2.28 16.53
C ASP A 79 4.25 -1.63 17.01
N PHE A 80 4.27 -1.01 18.19
CA PHE A 80 3.06 -0.40 18.71
C PHE A 80 2.64 0.83 17.91
N TYR A 81 3.59 1.51 17.28
CA TYR A 81 3.27 2.60 16.37
C TYR A 81 2.67 2.04 15.08
N LYS A 82 3.28 0.99 14.54
CA LYS A 82 2.79 0.39 13.31
C LYS A 82 1.42 -0.26 13.48
N LEU A 83 1.13 -0.80 14.67
N LEU A 83 1.13 -0.77 14.68
CA LEU A 83 -0.21 -1.37 14.90
CA LEU A 83 -0.18 -1.36 14.93
C LEU A 83 -1.28 -0.30 14.75
C LEU A 83 -1.28 -0.32 14.82
N ASP A 84 -1.02 0.89 15.28
CA ASP A 84 -1.98 1.98 15.17
C ASP A 84 -2.25 2.30 13.71
N ILE A 85 -1.20 2.31 12.89
CA ILE A 85 -1.34 2.58 11.45
C ILE A 85 -2.21 1.51 10.79
N VAL A 86 -1.95 0.24 11.08
CA VAL A 86 -2.72 -0.83 10.45
C VAL A 86 -4.19 -0.70 10.83
N ASN A 87 -4.46 -0.41 12.11
CA ASN A 87 -5.84 -0.22 12.54
C ASN A 87 -6.52 0.88 11.74
N ARG A 88 -5.82 1.99 11.51
CA ARG A 88 -6.42 3.08 10.72
C ARG A 88 -6.61 2.68 9.27
N LEU A 89 -5.64 1.97 8.68
CA LEU A 89 -5.80 1.53 7.29
C LEU A 89 -7.00 0.61 7.13
N LEU A 90 -7.23 -0.27 8.10
CA LEU A 90 -8.41 -1.13 8.04
C LEU A 90 -9.70 -0.32 8.08
N GLU A 91 -9.72 0.77 8.85
CA GLU A 91 -10.90 1.63 8.90
C GLU A 91 -11.15 2.29 7.54
N MET A 92 -10.08 2.69 6.85
CA MET A 92 -10.22 3.40 5.58
C MET A 92 -10.83 2.51 4.51
N ASN A 93 -10.50 1.22 4.53
CA ASN A 93 -11.21 0.21 3.74
C ASN A 93 -11.19 0.52 2.25
N VAL A 94 -10.01 0.89 1.73
CA VAL A 94 -9.95 1.34 0.34
C VAL A 94 -9.99 0.19 -0.66
N LEU A 95 -9.64 -1.03 -0.25
CA LEU A 95 -9.56 -2.12 -1.21
C LEU A 95 -10.94 -2.53 -1.73
N GLU A 96 -11.99 -2.27 -0.93
CA GLU A 96 -13.34 -2.69 -1.30
C GLU A 96 -13.81 -2.03 -2.59
N LYS A 97 -13.47 -0.76 -2.82
CA LYS A 97 -13.96 -0.04 -3.99
C LYS A 97 -12.87 0.45 -4.93
N THR A 98 -11.63 0.04 -4.74
CA THR A 98 -10.52 0.53 -5.55
C THR A 98 -9.70 -0.64 -6.09
N ASN A 99 -9.15 -0.46 -7.30
CA ASN A 99 -8.15 -1.35 -7.85
C ASN A 99 -6.79 -0.73 -7.57
N THR A 100 -6.03 -1.33 -6.66
CA THR A 100 -4.83 -0.65 -6.16
C THR A 100 -3.83 -1.70 -5.67
N TYR A 101 -2.78 -1.21 -5.02
CA TYR A 101 -1.78 -2.04 -4.35
C TYR A 101 -1.76 -1.64 -2.89
N LEU A 102 -1.90 -2.62 -2.00
CA LEU A 102 -1.73 -2.40 -0.55
C LEU A 102 -0.26 -2.71 -0.24
N ALA A 103 0.55 -1.66 -0.28
CA ALA A 103 2.00 -1.78 -0.18
C ALA A 103 2.56 -0.51 0.44
N MET A 104 3.65 -0.63 1.18
CA MET A 104 4.25 0.53 1.82
C MET A 104 4.58 1.63 0.81
N GLN A 105 5.03 1.26 -0.39
CA GLN A 105 5.38 2.23 -1.41
C GLN A 105 4.19 3.11 -1.79
N ASN A 106 2.98 2.62 -1.61
CA ASN A 106 1.79 3.25 -2.14
C ASN A 106 1.03 4.06 -1.09
N ILE A 107 1.60 4.23 0.11
CA ILE A 107 0.89 4.85 1.23
C ILE A 107 1.74 5.97 1.81
N LEU A 108 1.09 7.11 2.09
CA LEU A 108 1.71 8.26 2.74
C LEU A 108 1.10 8.45 4.12
N LEU A 109 1.93 8.87 5.07
CA LEU A 109 1.51 9.06 6.45
C LEU A 109 1.76 10.51 6.86
N LYS A 110 0.73 11.14 7.42
CA LYS A 110 0.89 12.41 8.13
C LYS A 110 0.96 12.17 9.63
N ASP A 111 0.08 11.34 10.16
CA ASP A 111 0.17 10.82 11.52
C ASP A 111 -0.47 9.44 11.51
N THR A 112 -0.43 8.72 12.63
CA THR A 112 -0.88 7.32 12.59
C THR A 112 -2.36 7.19 12.25
N ARG A 113 -3.15 8.25 12.42
CA ARG A 113 -4.56 8.22 12.08
C ARG A 113 -4.88 8.95 10.79
N ASP A 114 -3.87 9.37 10.04
CA ASP A 114 -4.08 10.24 8.87
C ASP A 114 -3.13 9.77 7.78
N LEU A 115 -3.67 8.98 6.85
N LEU A 115 -3.62 8.91 6.89
CA LEU A 115 -2.92 8.29 5.80
CA LEU A 115 -2.82 8.37 5.79
C LEU A 115 -3.58 8.54 4.46
C LEU A 115 -3.55 8.54 4.47
N LEU A 116 -2.79 8.48 3.39
CA LEU A 116 -3.31 8.60 2.04
C LEU A 116 -2.66 7.56 1.14
N PHE A 117 -3.41 7.07 0.16
CA PHE A 117 -2.89 6.20 -0.90
C PHE A 117 -2.53 7.05 -2.11
N ILE A 118 -1.61 6.52 -2.92
CA ILE A 118 -1.11 7.25 -4.08
C ILE A 118 -1.77 6.71 -5.36
N TYR A 119 -1.36 5.52 -5.78
CA TYR A 119 -1.72 4.99 -7.08
C TYR A 119 -2.95 4.08 -7.02
N LYS A 120 -3.84 4.27 -7.98
CA LYS A 120 -4.92 3.34 -8.25
C LYS A 120 -5.06 3.18 -9.75
N ALA A 121 -5.61 2.04 -10.16
CA ALA A 121 -5.81 1.73 -11.56
C ALA A 121 -7.21 2.13 -12.00
N ASP A 122 -7.43 2.06 -13.30
CA ASP A 122 -8.76 2.20 -13.88
C ASP A 122 -9.55 0.93 -13.63
N HIS A 123 -10.80 0.91 -14.11
CA HIS A 123 -11.67 -0.25 -13.97
C HIS A 123 -11.86 -1.03 -15.26
N PHE A 124 -10.96 -0.83 -16.24
CA PHE A 124 -11.05 -1.52 -17.52
C PHE A 124 -9.80 -2.33 -17.80
N ASP A 125 -9.07 -2.70 -16.75
CA ASP A 125 -7.88 -3.55 -16.84
C ASP A 125 -6.78 -2.96 -17.70
N ASN A 126 -6.75 -1.63 -17.82
CA ASN A 126 -5.64 -0.97 -18.53
C ASN A 126 -4.37 -1.00 -17.68
N LEU A 127 -4.44 -0.45 -16.48
CA LEU A 127 -3.32 -0.30 -15.56
C LEU A 127 -3.26 -1.46 -14.59
N PRO A 128 -2.07 -1.81 -14.11
CA PRO A 128 -1.94 -2.98 -13.23
C PRO A 128 -2.34 -2.68 -11.79
N TYR A 129 -2.74 -3.72 -11.09
CA TYR A 129 -3.08 -3.65 -9.67
C TYR A 129 -3.11 -5.07 -9.13
N SER A 130 -3.37 -5.20 -7.83
CA SER A 130 -3.43 -6.51 -7.19
C SER A 130 -4.82 -7.11 -7.35
N THR A 131 -4.91 -8.27 -7.98
CA THR A 131 -6.16 -9.01 -8.09
C THR A 131 -6.33 -10.06 -7.00
N LYS A 132 -5.41 -10.12 -6.04
CA LYS A 132 -5.48 -11.13 -5.00
C LYS A 132 -6.69 -10.89 -4.10
N GLU A 133 -7.12 -11.98 -3.45
CA GLU A 133 -8.15 -11.89 -2.43
C GLU A 133 -7.78 -10.81 -1.42
N GLU A 134 -8.77 -10.03 -1.00
CA GLU A 134 -8.48 -8.91 -0.11
C GLU A 134 -7.77 -9.36 1.17
N LEU A 135 -8.25 -10.44 1.79
CA LEU A 135 -7.62 -10.89 3.03
C LEU A 135 -6.16 -11.26 2.80
N GLU A 136 -5.86 -11.88 1.64
CA GLU A 136 -4.49 -12.18 1.29
C GLU A 136 -3.66 -10.90 1.17
N GLN A 137 -4.19 -9.88 0.52
CA GLN A 137 -3.46 -8.61 0.41
C GLN A 137 -3.15 -8.04 1.79
N TRP A 138 -4.12 -8.09 2.71
CA TRP A 138 -3.86 -7.59 4.06
C TRP A 138 -2.79 -8.40 4.77
N LYS A 139 -2.89 -9.73 4.69
CA LYS A 139 -1.90 -10.55 5.37
C LYS A 139 -0.50 -10.26 4.84
N ASN A 140 -0.35 -10.19 3.51
CA ASN A 140 0.95 -9.95 2.92
C ASN A 140 1.48 -8.58 3.28
N PHE A 141 0.61 -7.57 3.25
CA PHE A 141 1.02 -6.23 3.61
C PHE A 141 1.51 -6.17 5.06
N ILE A 142 0.73 -6.75 5.98
CA ILE A 142 1.13 -6.69 7.39
C ILE A 142 2.45 -7.40 7.60
N CYS A 143 2.64 -8.55 6.94
CA CYS A 143 3.93 -9.24 7.00
C CYS A 143 5.05 -8.35 6.48
N SER A 144 4.83 -7.65 5.37
CA SER A 144 5.89 -6.80 4.83
C SER A 144 6.19 -5.62 5.75
N PHE A 145 5.21 -5.17 6.55
CA PHE A 145 5.37 -3.97 7.35
C PHE A 145 6.00 -4.30 8.71
N PHE A 146 5.79 -5.51 9.22
CA PHE A 146 6.32 -5.93 10.50
C PHE A 146 7.44 -6.95 10.40
N GLY A 147 7.54 -7.68 9.29
CA GLY A 147 8.44 -8.81 9.18
C GLY A 147 9.77 -8.47 8.56
N LYS A 148 10.55 -9.52 8.30
CA LYS A 148 11.92 -9.38 7.82
C LYS A 148 12.05 -9.44 6.30
N PHE A 149 11.00 -9.81 5.58
CA PHE A 149 11.12 -10.09 4.16
C PHE A 149 10.26 -9.12 3.36
N THR A 150 10.47 -9.13 2.04
CA THR A 150 9.75 -8.22 1.18
C THR A 150 8.32 -8.69 0.94
N LEU A 151 7.48 -7.75 0.52
CA LEU A 151 6.11 -8.07 0.14
C LEU A 151 6.06 -9.24 -0.84
N GLU A 152 6.96 -9.25 -1.84
N GLU A 152 6.95 -9.23 -1.84
CA GLU A 152 6.94 -10.29 -2.86
CA GLU A 152 6.93 -10.27 -2.87
C GLU A 152 7.24 -11.66 -2.27
C GLU A 152 7.24 -11.65 -2.30
N LYS A 153 8.12 -11.74 -1.27
N LYS A 153 8.08 -11.71 -1.27
CA LYS A 153 8.38 -13.02 -0.63
CA LYS A 153 8.40 -12.99 -0.63
C LYS A 153 7.11 -13.58 -0.01
C LYS A 153 7.17 -13.58 0.04
N TYR A 154 6.40 -12.75 0.75
CA TYR A 154 5.18 -13.22 1.38
C TYR A 154 4.11 -13.55 0.34
N GLU A 155 4.02 -12.76 -0.73
CA GLU A 155 3.04 -13.04 -1.78
C GLU A 155 3.27 -14.40 -2.42
N LYS A 156 4.54 -14.80 -2.55
CA LYS A 156 4.84 -16.05 -3.24
C LYS A 156 4.48 -17.26 -2.40
N ASN A 157 4.81 -17.25 -1.12
CA ASN A 157 4.51 -18.40 -0.26
C ASN A 157 4.55 -17.98 1.19
N ARG A 158 3.47 -17.36 1.67
CA ARG A 158 3.51 -16.72 2.98
C ARG A 158 3.76 -17.74 4.08
N ILE A 159 3.03 -18.87 4.06
CA ILE A 159 3.15 -19.82 5.15
C ILE A 159 4.56 -20.38 5.24
N GLU A 160 5.19 -20.62 4.09
CA GLU A 160 6.54 -21.16 4.09
C GLU A 160 7.51 -20.22 4.79
N VAL A 161 7.45 -18.93 4.43
CA VAL A 161 8.35 -17.97 5.04
C VAL A 161 8.08 -17.81 6.54
N LEU A 162 6.79 -17.75 6.91
CA LEU A 162 6.43 -17.51 8.30
C LEU A 162 6.85 -18.67 9.20
N THR A 163 6.84 -19.91 8.70
CA THR A 163 7.16 -21.04 9.57
C THR A 163 8.55 -20.88 10.19
N LYS A 164 9.51 -20.39 9.40
CA LYS A 164 10.86 -20.21 9.89
C LYS A 164 11.12 -18.83 10.45
N GLU A 165 10.23 -17.85 10.16
CA GLU A 165 10.47 -16.49 10.65
C GLU A 165 10.25 -16.38 12.16
N LYS A 166 9.33 -17.16 12.71
CA LYS A 166 9.09 -17.20 14.16
C LYS A 166 8.72 -15.83 14.71
N ASN A 167 7.81 -15.16 14.00
CA ASN A 167 7.21 -13.91 14.45
C ASN A 167 5.80 -14.27 14.92
N SER A 168 5.58 -14.22 16.24
CA SER A 168 4.32 -14.70 16.80
C SER A 168 3.14 -13.84 16.36
N PHE A 169 3.33 -12.52 16.27
CA PHE A 169 2.27 -11.66 15.77
C PHE A 169 1.87 -12.05 14.34
N LEU A 170 2.86 -12.24 13.47
CA LEU A 170 2.54 -12.59 12.09
C LEU A 170 1.90 -13.96 11.98
N ASN A 171 2.29 -14.91 12.84
CA ASN A 171 1.62 -16.21 12.85
C ASN A 171 0.14 -16.05 13.22
N ASP A 172 -0.16 -15.15 14.15
CA ASP A 172 -1.56 -14.89 14.50
C ASP A 172 -2.31 -14.22 13.35
N VAL A 173 -1.66 -13.29 12.65
CA VAL A 173 -2.26 -12.67 11.47
C VAL A 173 -2.57 -13.73 10.41
N GLU A 174 -1.61 -14.62 10.16
CA GLU A 174 -1.79 -15.66 9.15
C GLU A 174 -3.00 -16.52 9.44
N ALA A 175 -3.28 -16.78 10.72
CA ALA A 175 -4.33 -17.72 11.08
C ALA A 175 -5.75 -17.18 10.94
N VAL A 176 -5.95 -15.87 10.77
CA VAL A 176 -7.32 -15.38 10.79
C VAL A 176 -8.07 -15.85 9.54
N GLU A 177 -9.38 -16.06 9.70
CA GLU A 177 -10.17 -16.65 8.64
C GLU A 177 -10.96 -15.63 7.83
N SER A 178 -11.02 -14.38 8.28
CA SER A 178 -11.85 -13.40 7.59
C SER A 178 -11.30 -12.01 7.85
N LEU A 179 -11.77 -11.06 7.02
CA LEU A 179 -11.43 -9.66 7.22
C LEU A 179 -11.92 -9.16 8.57
N GLU A 180 -13.13 -9.56 8.97
CA GLU A 180 -13.64 -9.10 10.26
C GLU A 180 -12.79 -9.63 11.42
N SER A 181 -12.33 -10.88 11.32
N SER A 181 -12.34 -10.88 11.32
CA SER A 181 -11.46 -11.41 12.38
CA SER A 181 -11.47 -11.42 12.36
C SER A 181 -10.09 -10.75 12.36
C SER A 181 -10.10 -10.73 12.37
N LEU A 182 -9.61 -10.32 11.20
CA LEU A 182 -8.37 -9.54 11.17
C LEU A 182 -8.57 -8.20 11.87
N ARG A 183 -9.68 -7.52 11.58
CA ARG A 183 -9.94 -6.26 12.26
C ARG A 183 -10.01 -6.43 13.76
N ASP A 184 -10.63 -7.52 14.23
CA ASP A 184 -10.71 -7.79 15.67
C ASP A 184 -9.34 -8.06 16.27
N LEU A 185 -8.51 -8.84 15.57
CA LEU A 185 -7.16 -9.12 16.06
CA LEU A 185 -7.17 -9.12 16.08
C LEU A 185 -6.36 -7.83 16.23
N ILE A 186 -6.35 -6.99 15.20
CA ILE A 186 -5.57 -5.76 15.25
C ILE A 186 -6.09 -4.83 16.34
N LYS A 187 -7.41 -4.70 16.44
CA LYS A 187 -7.98 -3.81 17.45
C LYS A 187 -7.66 -4.31 18.85
N ASN A 188 -7.73 -5.63 19.06
CA ASN A 188 -7.41 -6.18 20.37
C ASN A 188 -5.95 -5.96 20.73
N ARG A 189 -5.04 -6.15 19.78
CA ARG A 189 -3.63 -5.89 20.06
C ARG A 189 -3.38 -4.41 20.35
N LEU A 190 -4.06 -3.54 19.62
CA LEU A 190 -3.91 -2.10 19.87
C LEU A 190 -4.42 -1.74 21.26
N THR A 191 -5.57 -2.29 21.65
CA THR A 191 -6.11 -2.03 22.98
C THR A 191 -5.12 -2.46 24.07
N GLU A 192 -4.43 -3.59 23.86
CA GLU A 192 -3.42 -4.05 24.82
CA GLU A 192 -3.44 -4.03 24.83
C GLU A 192 -2.28 -3.04 24.95
N GLU A 193 -1.87 -2.45 23.83
CA GLU A 193 -0.77 -1.48 23.87
C GLU A 193 -1.17 -0.20 24.58
N GLN A 194 -2.46 0.13 24.59
CA GLN A 194 -2.95 1.39 25.15
C GLN A 194 -3.09 1.36 26.66
N LYS A 195 -2.90 0.20 27.30
CA LYS A 195 -3.02 0.05 28.74
C LYS A 195 -1.73 -0.51 29.33
N ASN A 196 -1.48 -0.18 30.59
CA ASN A 196 -0.31 -0.70 31.28
C ASN A 196 -0.44 -0.54 32.79
#